data_3HA7
#
_entry.id   3HA7
#
_cell.length_a   57.429
_cell.length_b   57.429
_cell.length_c   205.079
_cell.angle_alpha   90.00
_cell.angle_beta   90.00
_cell.angle_gamma   120.00
#
_symmetry.space_group_name_H-M   'P 31 2 1'
#
loop_
_entity.id
_entity.type
_entity.pdbx_description
1 polymer 'METHOXY MYCOLIC ACID SYNTHASE 4'
2 non-polymer "5'-S-[2-(decylamino)ethyl]-5'-thioadenosine"
3 water water
#
_entity_poly.entity_id   1
_entity_poly.type   'polypeptide(L)'
_entity_poly.pdbx_seq_one_letter_code
;MGSSHYHHHHSSGLVPRGSHMAEKPISPTKTRTRFEDIQAHYDVSDDFFALFQDPTRTYSCAYFEPPELTLEEAQYAKVD
LNLDKLDLKPGMTLLDIGCGWGTTMRRAVERFDVNVIGLTLSKNQHARCEQVLASIDTNRSRQVLLQGWEDFAEPVDRIV
SIEAFEHFGHENYDDFFKRCFNIMPADGRMTVQSSVSYHPYEMAARGKKLSFETARFIKFIVTEIFPGGRLPSTEMMVEH
GEKAGFTVPEPLSLRPHYIKTLRIWGDTLQSNKDKAIEVTSEEVYNRYMKYLRGCEHYFTDEMLDCSLVTYLKPGAAA
;
_entity_poly.pdbx_strand_id   A
#
# COMPACT_ATOMS: atom_id res chain seq x y z
N VAL A 44 -16.89 9.52 -0.11
CA VAL A 44 -15.54 10.00 -0.57
C VAL A 44 -15.46 10.12 -2.10
N SER A 45 -15.34 11.35 -2.57
CA SER A 45 -15.21 11.69 -3.99
C SER A 45 -13.75 11.84 -4.41
N ASP A 46 -13.46 11.58 -5.69
CA ASP A 46 -12.11 11.77 -6.24
C ASP A 46 -11.64 13.22 -6.06
N ASP A 47 -12.54 14.17 -6.25
CA ASP A 47 -12.21 15.59 -6.13
C ASP A 47 -11.70 15.95 -4.73
N PHE A 48 -12.12 15.18 -3.73
CA PHE A 48 -11.72 15.43 -2.35
C PHE A 48 -10.25 15.10 -2.15
N PHE A 49 -9.89 13.84 -2.45
CA PHE A 49 -8.51 13.40 -2.32
C PHE A 49 -7.56 14.24 -3.18
N ALA A 50 -8.09 14.73 -4.30
CA ALA A 50 -7.35 15.64 -5.19
C ALA A 50 -6.81 16.87 -4.47
N LEU A 51 -7.48 17.31 -3.41
CA LEU A 51 -7.08 18.52 -2.70
C LEU A 51 -6.03 18.29 -1.60
N PHE A 52 -5.59 17.05 -1.41
CA PHE A 52 -4.50 16.81 -0.46
C PHE A 52 -3.32 15.93 -0.92
N GLN A 53 -3.53 15.10 -1.95
CA GLN A 53 -2.49 14.19 -2.45
C GLN A 53 -1.68 14.84 -3.57
N ASP A 54 -0.50 14.30 -3.87
CA ASP A 54 0.30 14.76 -5.02
C ASP A 54 -0.43 14.52 -6.36
N PRO A 55 0.13 15.05 -7.48
CA PRO A 55 -0.53 14.88 -8.78
C PRO A 55 -0.77 13.45 -9.19
N THR A 56 0.03 12.51 -8.65
CA THR A 56 -0.17 11.09 -8.99
C THR A 56 -1.37 10.43 -8.26
N ARG A 57 -1.86 11.06 -7.20
CA ARG A 57 -3.00 10.52 -6.45
C ARG A 57 -2.64 9.22 -5.69
N THR A 58 -1.36 9.04 -5.41
CA THR A 58 -0.90 7.92 -4.63
C THR A 58 -1.42 8.07 -3.21
N TYR A 59 -2.20 7.11 -2.80
CA TYR A 59 -2.79 7.12 -1.49
C TYR A 59 -2.00 6.12 -0.62
N SER A 60 -0.70 6.35 -0.48
CA SER A 60 0.13 5.48 0.35
C SER A 60 1.44 6.17 0.75
N CYS A 61 2.20 5.56 1.66
CA CYS A 61 3.44 6.13 2.18
C CYS A 61 4.45 6.43 1.09
N ALA A 62 4.92 7.69 1.04
CA ALA A 62 5.97 8.11 0.11
C ALA A 62 7.35 7.75 0.69
N TYR A 63 8.41 7.80 -0.13
CA TYR A 63 9.77 7.44 0.30
C TYR A 63 10.76 8.57 0.05
N PHE A 64 11.03 9.37 1.07
CA PHE A 64 11.91 10.53 0.93
C PHE A 64 13.39 10.16 0.98
N GLU A 65 13.83 9.41 -0.03
CA GLU A 65 15.25 9.14 -0.28
C GLU A 65 15.63 9.55 -1.72
N PRO A 66 16.40 10.64 -1.86
CA PRO A 66 16.97 11.51 -0.84
C PRO A 66 15.93 12.36 -0.09
N PRO A 67 16.28 12.87 1.11
CA PRO A 67 15.31 13.58 1.97
C PRO A 67 14.68 14.82 1.32
N GLU A 68 15.30 15.36 0.28
CA GLU A 68 14.85 16.63 -0.28
C GLU A 68 13.90 16.50 -1.47
N LEU A 69 13.37 15.30 -1.67
CA LEU A 69 12.42 15.04 -2.77
C LEU A 69 11.04 15.65 -2.50
N THR A 70 10.40 16.15 -3.55
CA THR A 70 8.95 16.45 -3.54
C THR A 70 8.13 15.25 -3.02
N LEU A 71 6.92 15.53 -2.56
CA LEU A 71 5.97 14.47 -2.24
C LEU A 71 5.82 13.55 -3.44
N GLU A 72 5.63 14.17 -4.60
CA GLU A 72 5.41 13.50 -5.89
C GLU A 72 6.59 12.62 -6.32
N GLU A 73 7.80 13.19 -6.22
CA GLU A 73 9.06 12.47 -6.45
C GLU A 73 9.20 11.31 -5.50
N ALA A 74 8.84 11.57 -4.23
CA ALA A 74 8.87 10.60 -3.15
C ALA A 74 7.90 9.45 -3.40
N GLN A 75 6.83 9.70 -4.13
CA GLN A 75 5.92 8.61 -4.43
C GLN A 75 6.49 7.73 -5.50
N TYR A 76 7.11 8.29 -6.54
CA TYR A 76 7.85 7.46 -7.49
C TYR A 76 8.98 6.63 -6.85
N ALA A 77 9.77 7.30 -6.01
CA ALA A 77 10.83 6.62 -5.28
C ALA A 77 10.26 5.44 -4.44
N LYS A 78 9.09 5.58 -3.85
CA LYS A 78 8.46 4.46 -3.11
C LYS A 78 8.08 3.31 -4.04
N VAL A 79 7.55 3.64 -5.21
CA VAL A 79 7.34 2.63 -6.24
C VAL A 79 8.66 1.92 -6.61
N ASP A 80 9.72 2.66 -6.90
CA ASP A 80 11.00 2.00 -7.25
C ASP A 80 11.52 1.13 -6.10
N LEU A 81 11.38 1.62 -4.86
CA LEU A 81 11.77 0.86 -3.68
C LEU A 81 11.15 -0.57 -3.66
N ASN A 82 9.85 -0.67 -3.94
CA ASN A 82 9.19 -1.97 -4.04
C ASN A 82 9.70 -2.79 -5.21
N LEU A 83 9.66 -2.21 -6.40
CA LEU A 83 9.98 -2.97 -7.64
C LEU A 83 11.41 -3.44 -7.65
N ASP A 84 12.33 -2.61 -7.14
CA ASP A 84 13.77 -2.98 -7.13
C ASP A 84 14.04 -4.26 -6.33
N LYS A 85 13.17 -4.55 -5.36
CA LYS A 85 13.20 -5.79 -4.60
C LYS A 85 12.74 -7.01 -5.37
N LEU A 86 12.19 -6.85 -6.56
CA LEU A 86 11.40 -7.97 -7.10
C LEU A 86 12.12 -8.86 -8.14
N ASP A 87 13.37 -8.51 -8.45
CA ASP A 87 14.12 -9.26 -9.43
C ASP A 87 13.25 -9.42 -10.69
N LEU A 88 12.88 -8.29 -11.28
CA LEU A 88 12.02 -8.28 -12.43
C LEU A 88 12.87 -8.29 -13.68
N LYS A 89 12.58 -9.22 -14.59
CA LYS A 89 13.30 -9.34 -15.83
C LYS A 89 12.31 -9.22 -16.99
N PRO A 90 12.79 -8.75 -18.16
CA PRO A 90 11.87 -8.43 -19.25
C PRO A 90 11.11 -9.66 -19.75
N GLY A 91 9.82 -9.49 -20.06
CA GLY A 91 8.97 -10.60 -20.46
C GLY A 91 8.16 -11.19 -19.31
N MET A 92 8.58 -10.94 -18.06
CA MET A 92 7.84 -11.45 -16.90
C MET A 92 6.46 -10.82 -16.82
N THR A 93 5.59 -11.47 -16.06
CA THR A 93 4.32 -10.88 -15.69
C THR A 93 4.35 -10.47 -14.20
N LEU A 94 4.11 -9.18 -13.93
CA LEU A 94 3.96 -8.65 -12.57
C LEU A 94 2.49 -8.48 -12.21
N LEU A 95 2.12 -9.04 -11.05
CA LEU A 95 0.79 -8.88 -10.51
C LEU A 95 0.80 -7.75 -9.46
N ASP A 96 -0.01 -6.71 -9.66
CA ASP A 96 -0.15 -5.69 -8.64
C ASP A 96 -1.49 -5.86 -7.93
N ILE A 97 -1.44 -6.26 -6.65
CA ILE A 97 -2.67 -6.52 -5.88
C ILE A 97 -3.08 -5.26 -5.08
N GLY A 98 -4.24 -4.69 -5.41
CA GLY A 98 -4.62 -3.33 -5.02
C GLY A 98 -3.81 -2.28 -5.79
N CYS A 99 -4.18 -2.04 -7.05
CA CYS A 99 -3.29 -1.38 -7.98
C CYS A 99 -3.53 0.13 -8.14
N GLY A 100 -4.47 0.65 -7.37
CA GLY A 100 -4.68 2.11 -7.29
C GLY A 100 -5.04 2.74 -8.64
N TRP A 101 -4.41 3.85 -8.93
CA TRP A 101 -4.64 4.56 -10.16
C TRP A 101 -3.65 4.16 -11.23
N GLY A 102 -2.96 3.03 -11.00
CA GLY A 102 -2.19 2.39 -12.03
C GLY A 102 -0.75 2.84 -12.09
N THR A 103 -0.32 3.66 -11.12
CA THR A 103 1.02 4.22 -11.10
C THR A 103 2.15 3.19 -11.01
N THR A 104 2.09 2.29 -10.01
CA THR A 104 3.04 1.17 -9.94
C THR A 104 3.18 0.37 -11.26
N MET A 105 2.06 0.00 -11.88
CA MET A 105 2.08 -0.86 -13.08
C MET A 105 2.75 -0.15 -14.26
N ARG A 106 2.41 1.14 -14.47
CA ARG A 106 3.00 1.97 -15.52
C ARG A 106 4.52 2.03 -15.35
N ARG A 107 4.95 2.31 -14.12
CA ARG A 107 6.37 2.43 -13.86
C ARG A 107 7.06 1.09 -14.08
N ALA A 108 6.38 -0.01 -13.78
CA ALA A 108 6.95 -1.35 -13.99
C ALA A 108 7.12 -1.67 -15.50
N VAL A 109 6.09 -1.43 -16.30
CA VAL A 109 6.19 -1.62 -17.75
C VAL A 109 7.34 -0.81 -18.31
N GLU A 110 7.36 0.49 -17.99
CA GLU A 110 8.40 1.38 -18.49
C GLU A 110 9.79 1.02 -17.98
N ARG A 111 9.95 0.78 -16.68
CA ARG A 111 11.29 0.57 -16.14
C ARG A 111 11.89 -0.79 -16.44
N PHE A 112 11.05 -1.82 -16.57
CA PHE A 112 11.50 -3.23 -16.57
C PHE A 112 11.08 -4.07 -17.80
N ASP A 113 10.26 -3.48 -18.69
CA ASP A 113 9.79 -4.16 -19.89
C ASP A 113 9.04 -5.47 -19.51
N VAL A 114 8.16 -5.38 -18.49
CA VAL A 114 7.25 -6.46 -18.09
C VAL A 114 5.78 -6.31 -18.54
N ASN A 115 5.08 -7.45 -18.63
CA ASN A 115 3.62 -7.47 -18.67
C ASN A 115 3.10 -7.25 -17.24
N VAL A 116 1.84 -6.79 -17.12
CA VAL A 116 1.27 -6.43 -15.82
C VAL A 116 -0.20 -6.78 -15.76
N ILE A 117 -0.67 -7.14 -14.57
CA ILE A 117 -2.06 -7.40 -14.33
C ILE A 117 -2.27 -6.72 -12.98
N GLY A 118 -3.40 -6.03 -12.84
CA GLY A 118 -3.74 -5.23 -11.66
C GLY A 118 -5.11 -5.65 -11.18
N LEU A 119 -5.25 -5.71 -9.86
CA LEU A 119 -6.52 -6.02 -9.23
C LEU A 119 -6.93 -4.85 -8.37
N THR A 120 -8.19 -4.47 -8.50
CA THR A 120 -8.78 -3.43 -7.68
C THR A 120 -10.27 -3.70 -7.47
N LEU A 121 -10.82 -3.24 -6.35
CA LEU A 121 -12.26 -3.34 -6.10
C LEU A 121 -12.99 -2.00 -6.36
N SER A 122 -12.37 -1.10 -7.13
CA SER A 122 -12.92 0.23 -7.44
C SER A 122 -13.03 0.53 -8.93
N LYS A 123 -14.25 0.77 -9.42
CA LYS A 123 -14.50 1.05 -10.86
C LYS A 123 -13.80 2.33 -11.31
N ASN A 124 -13.91 3.36 -10.47
CA ASN A 124 -13.08 4.57 -10.56
C ASN A 124 -11.64 4.25 -10.98
N GLN A 125 -10.99 3.45 -10.17
CA GLN A 125 -9.59 3.07 -10.33
C GLN A 125 -9.30 2.18 -11.55
N HIS A 126 -10.28 1.36 -11.90
CA HIS A 126 -10.16 0.41 -12.98
C HIS A 126 -10.12 1.16 -14.33
N ALA A 127 -11.10 2.03 -14.58
CA ALA A 127 -11.14 2.83 -15.84
C ALA A 127 -9.95 3.79 -16.00
N ARG A 128 -9.52 4.41 -14.92
CA ARG A 128 -8.32 5.21 -14.95
C ARG A 128 -7.11 4.35 -15.36
N CYS A 129 -6.93 3.22 -14.64
CA CYS A 129 -5.80 2.32 -14.89
C CYS A 129 -5.81 1.90 -16.32
N GLU A 130 -7.00 1.53 -16.80
CA GLU A 130 -7.11 1.08 -18.19
C GLU A 130 -6.59 2.16 -19.13
N GLN A 131 -7.05 3.40 -18.98
CA GLN A 131 -6.48 4.44 -19.87
C GLN A 131 -5.01 4.74 -19.60
N VAL A 132 -4.57 4.65 -18.34
CA VAL A 132 -3.16 4.79 -18.01
C VAL A 132 -2.36 3.70 -18.75
N LEU A 133 -2.86 2.46 -18.74
CA LEU A 133 -2.09 1.36 -19.35
C LEU A 133 -2.09 1.40 -20.87
N ALA A 134 -3.23 1.75 -21.45
CA ALA A 134 -3.35 1.79 -22.90
C ALA A 134 -2.42 2.84 -23.54
N SER A 135 -2.02 3.84 -22.73
CA SER A 135 -1.22 4.99 -23.19
C SER A 135 0.29 4.72 -23.30
N ILE A 136 0.74 3.57 -22.82
CA ILE A 136 2.16 3.25 -22.79
C ILE A 136 2.65 2.73 -24.14
N ASP A 137 3.84 3.15 -24.54
CA ASP A 137 4.43 2.71 -25.80
C ASP A 137 5.22 1.40 -25.63
N THR A 138 4.52 0.28 -25.81
CA THR A 138 5.04 -1.02 -25.48
C THR A 138 4.21 -2.06 -26.26
N ASN A 139 4.78 -3.25 -26.48
CA ASN A 139 4.00 -4.38 -26.95
C ASN A 139 3.64 -5.37 -25.84
N ARG A 140 3.97 -5.02 -24.59
CA ARG A 140 3.67 -5.84 -23.42
C ARG A 140 2.18 -5.78 -23.08
N SER A 141 1.65 -6.91 -22.62
CA SER A 141 0.24 -6.97 -22.26
C SER A 141 0.03 -6.27 -20.91
N ARG A 142 -1.14 -5.67 -20.76
CA ARG A 142 -1.47 -4.88 -19.61
C ARG A 142 -2.95 -5.09 -19.39
N GLN A 143 -3.36 -5.43 -18.19
CA GLN A 143 -4.73 -5.84 -17.96
C GLN A 143 -5.06 -5.43 -16.53
N VAL A 144 -6.24 -4.90 -16.32
CA VAL A 144 -6.68 -4.55 -14.99
C VAL A 144 -8.05 -5.12 -14.78
N LEU A 145 -8.22 -5.79 -13.64
CA LEU A 145 -9.42 -6.55 -13.39
C LEU A 145 -10.14 -5.97 -12.17
N LEU A 146 -11.46 -5.89 -12.24
CA LEU A 146 -12.24 -5.41 -11.11
C LEU A 146 -12.65 -6.62 -10.32
N GLN A 147 -11.81 -6.99 -9.37
CA GLN A 147 -11.97 -8.21 -8.61
C GLN A 147 -10.85 -8.31 -7.57
N GLY A 148 -11.08 -9.13 -6.54
CA GLY A 148 -10.15 -9.30 -5.45
C GLY A 148 -9.23 -10.49 -5.67
N TRP A 149 -8.14 -10.55 -4.90
CA TRP A 149 -7.15 -11.60 -5.03
C TRP A 149 -7.79 -12.94 -4.78
N GLU A 150 -8.87 -12.96 -4.03
CA GLU A 150 -9.57 -14.17 -3.68
C GLU A 150 -10.06 -14.90 -4.92
N ASP A 151 -10.41 -14.15 -5.97
CA ASP A 151 -10.85 -14.80 -7.20
C ASP A 151 -9.79 -14.80 -8.27
N PHE A 152 -8.56 -14.45 -7.91
CA PHE A 152 -7.51 -14.49 -8.91
C PHE A 152 -6.65 -15.74 -8.74
N ALA A 153 -6.53 -16.49 -9.83
CA ALA A 153 -5.79 -17.71 -9.82
C ALA A 153 -5.08 -17.89 -11.14
N GLU A 154 -4.25 -16.94 -11.53
CA GLU A 154 -3.47 -17.13 -12.76
C GLU A 154 -1.98 -17.11 -12.42
N PRO A 155 -1.17 -17.91 -13.12
CA PRO A 155 0.29 -17.89 -12.98
C PRO A 155 0.92 -16.52 -13.32
N VAL A 156 1.70 -15.97 -12.39
CA VAL A 156 2.39 -14.68 -12.60
C VAL A 156 3.78 -14.89 -12.06
N ASP A 157 4.71 -14.02 -12.40
CA ASP A 157 6.07 -14.21 -11.95
C ASP A 157 6.39 -13.56 -10.61
N ARG A 158 5.79 -12.39 -10.36
CA ARG A 158 6.18 -11.55 -9.22
C ARG A 158 4.93 -10.83 -8.74
N ILE A 159 4.90 -10.46 -7.46
CA ILE A 159 3.75 -9.78 -6.91
C ILE A 159 4.16 -8.54 -6.09
N VAL A 160 3.46 -7.41 -6.33
CA VAL A 160 3.59 -6.20 -5.52
C VAL A 160 2.20 -5.92 -4.94
N SER A 161 2.16 -5.43 -3.69
CA SER A 161 0.90 -5.01 -3.04
C SER A 161 1.23 -3.90 -2.02
N ILE A 162 0.83 -2.67 -2.33
CA ILE A 162 1.14 -1.49 -1.51
C ILE A 162 -0.16 -1.03 -0.82
N GLU A 163 -0.21 -1.26 0.49
CA GLU A 163 -1.29 -0.83 1.39
C GLU A 163 -2.70 -1.22 0.97
N ALA A 164 -2.84 -2.48 0.56
CA ALA A 164 -4.17 -3.03 0.34
C ALA A 164 -4.43 -4.04 1.48
N PHE A 165 -3.33 -4.53 2.04
CA PHE A 165 -3.33 -5.67 2.97
C PHE A 165 -4.14 -5.39 4.25
N GLU A 166 -4.27 -4.12 4.62
CA GLU A 166 -5.10 -3.70 5.76
C GLU A 166 -6.61 -3.99 5.55
N HIS A 167 -7.03 -4.20 4.30
CA HIS A 167 -8.42 -4.59 4.02
C HIS A 167 -8.70 -6.11 4.00
N PHE A 168 -7.68 -6.94 4.08
CA PHE A 168 -7.87 -8.39 3.88
C PHE A 168 -8.60 -9.11 5.03
N GLY A 169 -8.30 -8.72 6.27
CA GLY A 169 -8.87 -9.44 7.42
C GLY A 169 -7.94 -10.53 7.90
N HIS A 170 -7.58 -10.43 9.19
CA HIS A 170 -6.78 -11.44 9.88
C HIS A 170 -7.20 -12.86 9.43
N GLU A 171 -8.52 -13.09 9.38
CA GLU A 171 -9.14 -14.39 9.03
C GLU A 171 -8.68 -14.95 7.69
N ASN A 172 -8.26 -14.07 6.78
CA ASN A 172 -7.91 -14.46 5.42
C ASN A 172 -6.42 -14.44 5.11
N TYR A 173 -5.58 -14.20 6.12
CA TYR A 173 -4.12 -14.13 5.86
C TYR A 173 -3.51 -15.45 5.34
N ASP A 174 -3.96 -16.59 5.88
CA ASP A 174 -3.46 -17.88 5.46
C ASP A 174 -3.77 -18.12 3.99
N ASP A 175 -5.01 -17.89 3.57
CA ASP A 175 -5.37 -18.05 2.18
C ASP A 175 -4.58 -17.11 1.29
N PHE A 176 -4.41 -15.85 1.73
CA PHE A 176 -3.73 -14.88 0.93
C PHE A 176 -2.31 -15.37 0.59
N PHE A 177 -1.55 -15.72 1.62
CA PHE A 177 -0.15 -16.09 1.40
C PHE A 177 0.00 -17.42 0.64
N LYS A 178 -0.91 -18.35 0.87
CA LYS A 178 -0.96 -19.61 0.12
C LYS A 178 -1.24 -19.35 -1.39
N ARG A 179 -2.13 -18.41 -1.68
CA ARG A 179 -2.48 -18.11 -3.07
C ARG A 179 -1.25 -17.51 -3.77
N CYS A 180 -0.57 -16.62 -3.07
CA CYS A 180 0.55 -15.90 -3.65
C CYS A 180 1.75 -16.85 -3.90
N PHE A 181 1.99 -17.77 -2.98
CA PHE A 181 3.01 -18.81 -3.14
C PHE A 181 2.66 -19.71 -4.31
N ASN A 182 1.39 -20.10 -4.42
CA ASN A 182 0.96 -21.07 -5.44
C ASN A 182 0.91 -20.53 -6.86
N ILE A 183 0.74 -19.22 -7.04
CA ILE A 183 0.59 -18.68 -8.39
C ILE A 183 1.93 -18.31 -9.00
N MET A 184 3.00 -18.34 -8.22
CA MET A 184 4.29 -17.88 -8.68
C MET A 184 5.23 -19.04 -9.01
N PRO A 185 6.22 -18.82 -9.93
CA PRO A 185 7.16 -19.93 -10.25
C PRO A 185 8.10 -20.16 -9.09
N ALA A 186 9.13 -20.97 -9.32
CA ALA A 186 10.07 -21.38 -8.30
C ALA A 186 10.91 -20.25 -7.75
N ASP A 187 11.18 -19.23 -8.57
CA ASP A 187 11.99 -18.10 -8.14
C ASP A 187 11.17 -16.84 -7.80
N GLY A 188 9.88 -17.01 -7.52
CA GLY A 188 8.98 -15.89 -7.29
C GLY A 188 9.35 -15.09 -6.04
N ARG A 189 8.98 -13.80 -6.04
CA ARG A 189 9.15 -12.90 -4.91
C ARG A 189 7.93 -12.01 -4.85
N MET A 190 7.58 -11.53 -3.67
CA MET A 190 6.46 -10.63 -3.47
C MET A 190 6.85 -9.58 -2.45
N THR A 191 6.48 -8.31 -2.69
CA THR A 191 6.51 -7.31 -1.60
C THR A 191 5.11 -7.01 -1.17
N VAL A 192 4.91 -6.91 0.12
CA VAL A 192 3.68 -6.35 0.70
C VAL A 192 4.09 -5.16 1.58
N GLN A 193 3.56 -3.97 1.26
CA GLN A 193 3.70 -2.81 2.15
C GLN A 193 2.40 -2.56 2.89
N SER A 194 2.51 -2.36 4.21
CA SER A 194 1.31 -2.27 5.05
C SER A 194 1.60 -1.50 6.35
N SER A 195 0.67 -0.62 6.72
CA SER A 195 0.69 -0.06 8.05
C SER A 195 0.42 -1.20 9.02
N VAL A 196 0.99 -1.05 10.22
CA VAL A 196 0.87 -2.07 11.25
C VAL A 196 0.71 -1.40 12.61
N SER A 197 0.19 -2.18 13.56
CA SER A 197 0.24 -1.80 14.97
C SER A 197 0.95 -2.90 15.75
N TYR A 198 0.74 -2.90 17.07
CA TYR A 198 1.35 -3.88 17.96
C TYR A 198 0.32 -4.65 18.78
N HIS A 199 0.53 -5.97 18.93
CA HIS A 199 -0.27 -6.79 19.87
C HIS A 199 -0.57 -6.03 21.16
N PRO A 200 -1.83 -6.12 21.63
CA PRO A 200 -2.34 -5.35 22.78
C PRO A 200 -1.39 -5.36 23.98
N TYR A 201 -0.60 -6.42 24.11
CA TYR A 201 0.42 -6.53 25.16
C TYR A 201 1.58 -5.56 24.93
N GLU A 202 2.16 -5.63 23.72
CA GLU A 202 3.36 -4.87 23.37
C GLU A 202 3.14 -3.35 23.47
N ALA A 205 2.96 -1.96 27.07
CA ALA A 205 4.21 -1.53 27.71
C ALA A 205 4.43 -0.01 27.66
N ARG A 206 4.00 0.63 26.57
CA ARG A 206 4.21 2.08 26.39
C ARG A 206 3.42 2.95 27.38
N GLY A 207 2.79 2.32 28.38
CA GLY A 207 1.92 3.01 29.33
C GLY A 207 0.46 2.62 29.10
N LYS A 208 -0.28 2.43 30.17
CA LYS A 208 -1.70 2.04 30.05
C LYS A 208 -2.46 3.14 29.31
N LYS A 209 -2.26 4.39 29.73
CA LYS A 209 -2.92 5.57 29.13
C LYS A 209 -2.78 5.64 27.60
N LEU A 210 -1.55 5.60 27.09
CA LEU A 210 -1.32 5.65 25.65
C LEU A 210 -1.87 4.44 24.90
N SER A 211 -1.87 3.26 25.52
CA SER A 211 -2.33 2.08 24.77
C SER A 211 -3.85 2.01 24.59
N PHE A 212 -4.60 2.43 25.61
CA PHE A 212 -6.06 2.54 25.49
C PHE A 212 -6.46 3.60 24.45
N GLU A 213 -5.85 4.76 24.55
CA GLU A 213 -6.01 5.86 23.60
C GLU A 213 -5.78 5.44 22.14
N THR A 214 -4.66 4.75 21.88
CA THR A 214 -4.30 4.29 20.53
C THR A 214 -5.32 3.27 19.99
N ALA A 215 -5.70 2.30 20.81
CA ALA A 215 -6.72 1.33 20.39
C ALA A 215 -7.97 2.03 19.90
N ARG A 216 -8.40 3.09 20.59
CA ARG A 216 -9.56 3.88 20.16
C ARG A 216 -9.38 4.63 18.85
N PHE A 217 -8.26 5.32 18.69
CA PHE A 217 -8.05 6.10 17.51
C PHE A 217 -8.06 5.16 16.30
N ILE A 218 -7.40 4.02 16.46
CA ILE A 218 -7.40 2.95 15.46
C ILE A 218 -8.81 2.46 15.14
N LYS A 219 -9.66 2.25 16.16
CA LYS A 219 -11.06 1.88 15.92
C LYS A 219 -11.66 2.88 14.94
N PHE A 220 -11.56 4.16 15.27
CA PHE A 220 -12.02 5.25 14.41
C PHE A 220 -11.51 5.23 12.95
N ILE A 221 -10.27 4.80 12.72
CA ILE A 221 -9.75 4.73 11.33
C ILE A 221 -10.50 3.63 10.55
N VAL A 222 -10.41 2.44 11.10
CA VAL A 222 -11.09 1.24 10.68
C VAL A 222 -12.63 1.28 10.73
N THR A 223 -13.22 2.46 10.90
CA THR A 223 -14.69 2.57 11.04
C THR A 223 -15.29 3.64 10.13
N GLU A 224 -14.66 4.79 10.12
CA GLU A 224 -15.21 5.96 9.44
C GLU A 224 -14.28 6.46 8.34
N ILE A 225 -13.04 5.98 8.34
CA ILE A 225 -12.11 6.35 7.28
C ILE A 225 -11.91 5.20 6.27
N PHE A 226 -11.61 4.00 6.77
CA PHE A 226 -11.54 2.77 5.97
C PHE A 226 -12.47 1.74 6.59
N PRO A 227 -13.80 1.85 6.34
CA PRO A 227 -14.73 0.88 6.94
C PRO A 227 -14.32 -0.57 6.65
N GLY A 228 -14.51 -1.46 7.62
CA GLY A 228 -14.10 -2.86 7.51
C GLY A 228 -12.61 -3.16 7.56
N GLY A 229 -11.77 -2.12 7.67
CA GLY A 229 -10.31 -2.32 7.73
C GLY A 229 -9.87 -3.10 8.97
N ARG A 230 -8.62 -3.57 8.98
CA ARG A 230 -8.06 -4.15 10.21
C ARG A 230 -6.54 -4.22 10.11
N LEU A 231 -5.85 -3.58 11.04
CA LEU A 231 -4.38 -3.50 11.01
C LEU A 231 -3.77 -4.79 11.47
N PRO A 232 -2.74 -5.30 10.77
CA PRO A 232 -2.01 -6.42 11.33
C PRO A 232 -0.87 -5.86 12.15
N SER A 233 -0.07 -6.74 12.70
CA SER A 233 1.23 -6.38 13.19
C SER A 233 2.23 -6.92 12.19
N THR A 234 3.44 -6.41 12.26
CA THR A 234 4.56 -6.87 11.47
C THR A 234 4.81 -8.36 11.70
N GLU A 235 4.73 -8.78 12.95
CA GLU A 235 4.95 -10.17 13.32
C GLU A 235 3.97 -11.09 12.58
N MET A 236 2.68 -10.73 12.53
CA MET A 236 1.67 -11.46 11.72
C MET A 236 2.00 -11.47 10.22
N MET A 237 2.44 -10.32 9.69
CA MET A 237 2.82 -10.25 8.29
C MET A 237 3.91 -11.27 8.01
N VAL A 238 4.93 -11.31 8.86
CA VAL A 238 6.09 -12.18 8.64
C VAL A 238 5.70 -13.66 8.81
N GLU A 239 4.96 -13.95 9.87
CA GLU A 239 4.64 -15.33 10.24
C GLU A 239 3.72 -16.04 9.27
N HIS A 240 2.71 -15.33 8.79
CA HIS A 240 1.84 -15.97 7.83
C HIS A 240 2.58 -16.29 6.53
N GLY A 241 3.54 -15.45 6.17
CA GLY A 241 4.37 -15.71 4.98
C GLY A 241 5.29 -16.91 5.20
N GLU A 242 5.86 -17.01 6.38
CA GLU A 242 6.71 -18.16 6.70
C GLU A 242 5.92 -19.46 6.68
N LYS A 243 4.69 -19.42 7.19
CA LYS A 243 3.83 -20.61 7.23
C LYS A 243 3.42 -21.17 5.82
N ALA A 244 3.24 -20.25 4.86
CA ALA A 244 3.03 -20.60 3.48
C ALA A 244 4.33 -21.07 2.81
N GLY A 245 5.47 -20.88 3.47
CA GLY A 245 6.76 -21.39 2.99
C GLY A 245 7.74 -20.39 2.41
N PHE A 246 7.39 -19.10 2.50
CA PHE A 246 8.27 -18.00 2.11
C PHE A 246 9.46 -17.80 3.10
N THR A 247 10.62 -17.46 2.55
CA THR A 247 11.76 -16.90 3.29
C THR A 247 11.47 -15.42 3.43
N VAL A 248 11.60 -14.87 4.64
CA VAL A 248 11.24 -13.47 4.88
C VAL A 248 12.46 -12.80 5.50
N PRO A 249 13.17 -11.92 4.73
CA PRO A 249 14.24 -11.13 5.38
C PRO A 249 13.67 -10.11 6.37
N GLU A 250 14.55 -9.31 6.95
CA GLU A 250 14.13 -8.31 7.92
C GLU A 250 13.34 -7.20 7.22
N PRO A 251 12.12 -6.94 7.70
CA PRO A 251 11.24 -5.93 7.14
C PRO A 251 11.81 -4.52 7.27
N LEU A 252 11.52 -3.71 6.27
CA LEU A 252 11.90 -2.31 6.29
C LEU A 252 10.77 -1.48 6.91
N SER A 253 11.14 -0.67 7.90
CA SER A 253 10.25 0.27 8.53
C SER A 253 10.23 1.57 7.74
N LEU A 254 9.02 2.05 7.48
CA LEU A 254 8.84 3.27 6.72
C LEU A 254 8.34 4.40 7.62
N ARG A 255 8.40 4.19 8.94
CA ARG A 255 7.83 5.14 9.91
C ARG A 255 8.15 6.62 9.66
N PRO A 256 9.45 7.00 9.58
CA PRO A 256 9.68 8.45 9.42
C PRO A 256 9.19 8.98 8.07
N HIS A 257 9.11 8.09 7.09
CA HIS A 257 8.56 8.47 5.80
C HIS A 257 7.05 8.67 5.83
N TYR A 258 6.32 7.79 6.51
CA TYR A 258 4.88 8.07 6.73
C TYR A 258 4.64 9.35 7.55
N ILE A 259 5.47 9.57 8.57
CA ILE A 259 5.34 10.82 9.34
C ILE A 259 5.41 12.01 8.38
N LYS A 260 6.48 12.03 7.56
CA LYS A 260 6.71 13.07 6.55
C LYS A 260 5.56 13.18 5.52
N THR A 261 5.02 12.03 5.10
CA THR A 261 3.87 11.98 4.18
C THR A 261 2.57 12.58 4.76
N LEU A 262 2.22 12.18 5.99
CA LEU A 262 1.02 12.69 6.66
C LEU A 262 1.08 14.18 6.95
N ARG A 263 2.29 14.70 7.15
CA ARG A 263 2.46 16.11 7.42
C ARG A 263 2.14 16.92 6.17
N ILE A 264 2.64 16.48 5.02
CA ILE A 264 2.40 17.19 3.78
C ILE A 264 0.92 17.04 3.46
N TRP A 265 0.38 15.84 3.69
CA TRP A 265 -1.05 15.64 3.47
C TRP A 265 -1.89 16.59 4.34
N GLY A 266 -1.65 16.52 5.65
CA GLY A 266 -2.31 17.39 6.61
C GLY A 266 -2.20 18.85 6.22
N ASP A 267 -0.99 19.29 5.89
CA ASP A 267 -0.75 20.70 5.57
C ASP A 267 -1.44 21.17 4.29
N THR A 268 -1.51 20.29 3.29
CA THR A 268 -2.13 20.62 2.01
C THR A 268 -3.65 20.69 2.14
N LEU A 269 -4.26 19.67 2.78
CA LEU A 269 -5.70 19.72 3.11
C LEU A 269 -6.09 20.94 3.98
N GLN A 270 -5.27 21.22 4.99
CA GLN A 270 -5.46 22.38 5.87
C GLN A 270 -5.59 23.65 5.04
N SER A 271 -4.71 23.83 4.05
CA SER A 271 -4.72 25.02 3.20
C SER A 271 -5.90 25.08 2.25
N ASN A 272 -6.62 23.97 2.08
CA ASN A 272 -7.85 23.96 1.28
C ASN A 272 -9.13 23.83 2.12
N LYS A 273 -9.07 24.29 3.36
CA LYS A 273 -10.17 24.19 4.32
C LYS A 273 -11.51 24.53 3.64
N ASP A 274 -11.51 25.67 2.95
CA ASP A 274 -12.67 26.17 2.23
C ASP A 274 -12.97 25.33 0.98
N LYS A 275 -12.03 25.29 0.03
CA LYS A 275 -12.21 24.59 -1.24
C LYS A 275 -12.70 23.16 -1.05
N ALA A 276 -12.36 22.55 0.09
CA ALA A 276 -12.70 21.15 0.39
C ALA A 276 -14.08 20.98 1.01
N ILE A 277 -14.48 21.94 1.84
CA ILE A 277 -15.78 21.92 2.50
C ILE A 277 -16.91 21.93 1.47
N GLU A 278 -16.85 22.85 0.50
CA GLU A 278 -17.87 22.98 -0.54
C GLU A 278 -17.92 21.79 -1.52
N VAL A 279 -17.01 20.83 -1.33
CA VAL A 279 -17.03 19.58 -2.07
C VAL A 279 -17.07 18.42 -1.05
N GLU A 282 -17.39 20.43 5.60
CA GLU A 282 -17.12 20.72 7.00
C GLU A 282 -17.06 19.42 7.83
N GLU A 283 -18.09 18.59 7.68
CA GLU A 283 -18.13 17.30 8.36
C GLU A 283 -16.96 16.43 7.89
N VAL A 284 -16.95 16.09 6.60
CA VAL A 284 -15.89 15.28 5.99
C VAL A 284 -14.50 15.90 6.22
N TYR A 285 -14.41 17.23 6.12
CA TYR A 285 -13.14 17.92 6.31
C TYR A 285 -12.52 17.65 7.68
N ASN A 286 -13.26 17.92 8.75
CA ASN A 286 -12.75 17.74 10.11
C ASN A 286 -12.45 16.26 10.40
N ARG A 287 -13.22 15.37 9.77
CA ARG A 287 -12.97 13.95 9.91
C ARG A 287 -11.56 13.60 9.41
N TYR A 288 -11.22 14.04 8.20
CA TYR A 288 -9.93 13.67 7.61
C TYR A 288 -8.75 14.37 8.25
N MET A 289 -8.97 15.59 8.73
CA MET A 289 -7.98 16.30 9.53
C MET A 289 -7.63 15.58 10.85
N LYS A 290 -8.65 15.04 11.52
CA LYS A 290 -8.47 14.18 12.71
C LYS A 290 -7.65 12.94 12.36
N TYR A 291 -7.96 12.37 11.19
CA TYR A 291 -7.29 11.18 10.67
C TYR A 291 -5.83 11.47 10.39
N LEU A 292 -5.57 12.44 9.51
CA LEU A 292 -4.20 12.81 9.13
C LEU A 292 -3.33 13.24 10.33
N ARG A 293 -3.74 14.30 11.07
CA ARG A 293 -3.02 14.72 12.28
C ARG A 293 -2.85 13.58 13.31
N GLY A 294 -3.90 12.77 13.47
CA GLY A 294 -3.86 11.65 14.40
C GLY A 294 -2.80 10.61 14.08
N CYS A 295 -2.78 10.11 12.84
CA CYS A 295 -1.79 9.14 12.38
C CYS A 295 -0.36 9.67 12.47
N GLU A 296 -0.14 10.92 12.04
CA GLU A 296 1.19 11.53 12.21
C GLU A 296 1.64 11.46 13.67
N HIS A 297 0.73 11.84 14.57
CA HIS A 297 0.97 11.79 15.99
C HIS A 297 1.37 10.38 16.43
N TYR A 298 0.58 9.38 16.05
CA TYR A 298 0.80 8.02 16.58
C TYR A 298 1.97 7.32 15.92
N PHE A 299 2.29 7.71 14.69
CA PHE A 299 3.54 7.32 14.04
C PHE A 299 4.74 7.96 14.76
N THR A 300 4.64 9.25 15.05
CA THR A 300 5.64 9.94 15.88
C THR A 300 5.85 9.27 17.25
N ASP A 301 4.75 9.00 17.94
CA ASP A 301 4.78 8.32 19.22
C ASP A 301 5.25 6.87 19.17
N GLU A 302 5.40 6.33 17.96
CA GLU A 302 5.81 4.94 17.78
C GLU A 302 4.76 3.92 18.27
N MET A 303 3.49 4.30 18.13
CA MET A 303 2.37 3.40 18.42
C MET A 303 1.85 2.75 17.14
N LEU A 304 2.18 3.33 15.97
CA LEU A 304 1.87 2.75 14.66
C LEU A 304 3.19 2.60 13.95
N ASP A 305 3.23 1.74 12.95
CA ASP A 305 4.43 1.63 12.11
C ASP A 305 3.96 1.30 10.70
N CYS A 306 4.90 1.21 9.76
CA CYS A 306 4.58 0.85 8.39
C CYS A 306 5.71 -0.03 7.92
N SER A 307 5.37 -1.22 7.44
CA SER A 307 6.35 -2.21 7.08
C SER A 307 6.29 -2.58 5.58
N LEU A 308 7.47 -2.63 4.98
CA LEU A 308 7.66 -3.17 3.66
C LEU A 308 8.32 -4.54 3.84
N VAL A 309 7.52 -5.59 3.64
CA VAL A 309 7.99 -6.96 3.86
C VAL A 309 8.19 -7.64 2.49
N THR A 310 9.30 -8.35 2.37
CA THR A 310 9.66 -9.07 1.16
C THR A 310 9.54 -10.58 1.42
N TYR A 311 9.00 -11.32 0.45
CA TYR A 311 8.73 -12.74 0.58
C TYR A 311 9.43 -13.47 -0.58
N LEU A 312 10.33 -14.39 -0.22
CA LEU A 312 11.10 -15.10 -1.21
C LEU A 312 10.74 -16.57 -1.20
N LYS A 313 10.39 -17.07 -2.38
CA LYS A 313 10.18 -18.49 -2.58
C LYS A 313 11.53 -19.22 -2.47
N PRO A 314 11.56 -20.52 -2.04
CA PRO A 314 12.84 -21.24 -1.85
C PRO A 314 13.83 -21.14 -3.02
N GLY A 315 13.30 -21.10 -4.24
CA GLY A 315 14.14 -21.00 -5.43
C GLY A 315 14.40 -19.59 -5.95
N ALA A 316 14.17 -18.57 -5.13
CA ALA A 316 14.50 -17.15 -5.52
C ALA A 316 16.00 -16.94 -5.74
N ALA A 317 16.38 -15.82 -6.37
CA ALA A 317 17.79 -15.53 -6.68
C ALA A 317 18.47 -14.69 -5.59
#